data_8W3O
#
_entry.id   8W3O
#
_cell.length_a   169.529
_cell.length_b   169.529
_cell.length_c   169.529
_cell.angle_alpha   90.000
_cell.angle_beta   90.000
_cell.angle_gamma   90.000
#
_symmetry.space_group_name_H-M   'P 41 3 2'
#
loop_
_entity.id
_entity.type
_entity.pdbx_description
1 polymer 'prefusion-stabilized RSV F protein UFCR3-GDQ'
2 non-polymer 2-acetamido-2-deoxy-beta-D-glucopyranose
3 water water
#
_entity_poly.entity_id   1
_entity_poly.type   'polypeptide(L)'
_entity_poly.pdbx_seq_one_letter_code
;MGILPSPGMPALLSLVSLLSVLLMGCVAEQNITEEFYQSTCSAVSKGYLGALRTGWYTSVITIELSNIKENKCNGTDAKV
KLIKQELDKYKNAVTDLQLLMQSTPATGSGSGSGSAIASGVAVCKVLHLEGEVNKIKSALLSTNKCVVSLSNGVSVLCSK
VLDLKNYIDKQLLPIVNKQSCSIPNIETVIEFQQKNNRLLEITREFSVNAGVTTPVSTYMLTNSELLSLINDMPITNDQK
KLMSNNVQIVRQQSYSIMCIIKEEVLAYVVQLPLYGVIDTPCWKLHTSPLCTTNTKEGSNICLTRTDRGWYCDNAGSVSF
FPQAETCKVQSNRVFCDTMNSLTLPSEVNLCNVDIFNPKYDCKIMTSKTDVSSSVITSLGAIVSCYGKTKCTASNKNRGI
IKTFSNGCDYVSNKGVDTVSVGNTLYYVNKQEGQSLYVKGEPIINFYDPLVFPSDEFDASISQVNEKINQSLAFIRKSDE
LLASGYIPEAPRDGQAYVRKDGEWVLLSTFL
;
_entity_poly.pdbx_strand_id   F
#
loop_
_chem_comp.id
_chem_comp.type
_chem_comp.name
_chem_comp.formula
NAG D-saccharide, beta linking 2-acetamido-2-deoxy-beta-D-glucopyranose 'C8 H15 N O6'
#
# COMPACT_ATOMS: atom_id res chain seq x y z
N GLN A 30 8.93 -10.32 -17.38
CA GLN A 30 9.33 -10.38 -18.78
C GLN A 30 8.24 -9.82 -19.73
N ASN A 31 7.57 -10.69 -20.45
CA ASN A 31 6.46 -10.33 -21.30
C ASN A 31 5.14 -10.52 -20.55
N ILE A 32 4.36 -9.44 -20.42
CA ILE A 32 2.99 -9.56 -19.94
C ILE A 32 2.15 -10.25 -21.01
N THR A 33 1.44 -11.31 -20.64
CA THR A 33 0.48 -11.95 -21.53
C THR A 33 -0.86 -12.03 -20.81
N GLU A 34 -1.91 -12.32 -21.57
CA GLU A 34 -3.25 -12.33 -20.99
C GLU A 34 -4.09 -13.34 -21.73
N GLU A 35 -5.00 -13.99 -20.99
CA GLU A 35 -5.91 -14.96 -21.56
C GLU A 35 -7.32 -14.59 -21.13
N PHE A 36 -8.24 -14.58 -22.08
CA PHE A 36 -9.65 -14.35 -21.81
C PHE A 36 -10.38 -15.65 -21.94
N TYR A 37 -11.14 -16.02 -20.89
CA TYR A 37 -11.88 -17.28 -20.93
C TYR A 37 -13.34 -16.99 -21.25
N GLN A 38 -13.70 -17.21 -22.51
CA GLN A 38 -15.07 -16.97 -22.93
C GLN A 38 -16.06 -17.78 -22.09
N SER A 39 -15.70 -18.99 -21.69
CA SER A 39 -16.66 -19.84 -20.99
C SER A 39 -17.06 -19.29 -19.62
N THR A 40 -16.19 -18.51 -18.95
CA THR A 40 -16.50 -18.05 -17.60
C THR A 40 -16.42 -16.54 -17.46
N CYS A 41 -16.29 -15.80 -18.55
CA CYS A 41 -16.29 -14.34 -18.51
C CYS A 41 -15.22 -13.82 -17.55
N SER A 42 -14.00 -14.32 -17.71
CA SER A 42 -12.89 -13.91 -16.85
C SER A 42 -11.63 -13.88 -17.68
N ALA A 43 -10.60 -13.24 -17.14
CA ALA A 43 -9.31 -13.14 -17.79
C ALA A 43 -8.20 -13.18 -16.75
N VAL A 44 -7.05 -13.73 -17.16
CA VAL A 44 -5.85 -13.77 -16.33
C VAL A 44 -4.72 -13.05 -17.04
N SER A 45 -4.09 -12.11 -16.34
CA SER A 45 -2.90 -11.42 -16.82
C SER A 45 -1.69 -12.04 -16.13
N LYS A 46 -0.74 -12.54 -16.91
CA LYS A 46 0.42 -13.29 -16.43
C LYS A 46 1.70 -12.55 -16.78
N GLY A 47 2.81 -13.01 -16.20
CA GLY A 47 4.13 -12.48 -16.51
C GLY A 47 4.67 -11.48 -15.52
N TYR A 48 3.94 -11.19 -14.45
CA TYR A 48 4.44 -10.24 -13.49
C TYR A 48 5.44 -10.90 -12.54
N LEU A 49 6.30 -10.09 -11.95
CA LEU A 49 7.29 -10.54 -10.98
C LEU A 49 7.00 -9.82 -9.68
N GLY A 50 6.70 -10.58 -8.63
CA GLY A 50 6.26 -10.01 -7.37
C GLY A 50 7.35 -9.93 -6.31
N ALA A 51 7.31 -8.86 -5.52
CA ALA A 51 8.03 -8.79 -4.25
C ALA A 51 6.99 -8.66 -3.16
N LEU A 52 7.03 -9.55 -2.17
CA LEU A 52 6.02 -9.60 -1.13
C LEU A 52 6.66 -9.19 0.19
N ARG A 53 6.06 -8.22 0.87
CA ARG A 53 6.58 -7.77 2.16
C ARG A 53 6.28 -8.83 3.22
N THR A 54 7.34 -9.42 3.76
CA THR A 54 7.20 -10.37 4.85
C THR A 54 7.61 -9.79 6.20
N GLY A 55 8.56 -8.87 6.23
CA GLY A 55 9.00 -8.30 7.49
C GLY A 55 9.25 -6.81 7.47
N TRP A 56 10.09 -6.33 8.39
CA TRP A 56 10.33 -4.90 8.57
C TRP A 56 11.80 -4.68 8.93
N TYR A 57 12.39 -3.63 8.36
CA TYR A 57 13.61 -3.04 8.88
C TYR A 57 13.20 -1.91 9.80
N THR A 58 13.75 -1.88 11.01
CA THR A 58 13.47 -0.82 11.97
C THR A 58 14.70 0.04 12.20
N SER A 59 14.54 1.35 12.01
CA SER A 59 15.63 2.32 12.12
C SER A 59 15.20 3.45 13.06
N VAL A 60 16.15 3.93 13.86
CA VAL A 60 15.88 5.01 14.81
C VAL A 60 16.42 6.30 14.19
N ILE A 61 15.52 7.26 14.00
CA ILE A 61 15.85 8.59 13.47
C ILE A 61 15.86 9.55 14.66
N THR A 62 16.89 10.38 14.75
CA THR A 62 17.02 11.28 15.89
C THR A 62 17.14 12.73 15.46
N ILE A 63 16.66 13.61 16.32
CA ILE A 63 16.93 15.04 16.24
C ILE A 63 17.51 15.45 17.58
N GLU A 64 18.70 16.07 17.56
CA GLU A 64 19.33 16.49 18.80
C GLU A 64 18.76 17.86 19.21
N LEU A 65 18.17 17.91 20.39
CA LEU A 65 17.50 19.10 20.90
C LEU A 65 18.34 19.82 21.94
N SER A 66 17.98 21.08 22.16
CA SER A 66 18.58 21.88 23.20
C SER A 66 17.59 21.95 24.36
N ASN A 67 18.06 21.56 25.55
CA ASN A 67 17.25 21.67 26.76
C ASN A 67 17.47 23.08 27.31
N ILE A 68 16.66 24.02 26.83
CA ILE A 68 16.73 25.41 27.28
C ILE A 68 15.34 25.84 27.76
N LYS A 69 15.32 26.59 28.85
CA LYS A 69 14.13 27.28 29.29
C LYS A 69 14.23 28.74 28.85
N GLU A 70 13.13 29.46 29.00
CA GLU A 70 13.12 30.86 28.58
C GLU A 70 14.10 31.67 29.40
N ASN A 71 14.97 32.39 28.71
CA ASN A 71 15.87 33.32 29.39
C ASN A 71 15.53 34.73 28.90
N LYS A 72 14.30 35.15 29.17
CA LYS A 72 13.85 36.48 28.74
C LYS A 72 14.75 37.56 29.32
N CYS A 73 15.25 38.42 28.44
CA CYS A 73 15.94 39.65 28.82
C CYS A 73 15.26 40.81 28.13
N ASN A 74 15.30 42.00 28.76
CA ASN A 74 14.60 43.13 28.17
C ASN A 74 15.24 43.44 26.82
N GLY A 75 14.65 42.91 25.76
CA GLY A 75 15.04 43.24 24.42
C GLY A 75 13.83 43.65 23.64
N THR A 76 13.92 44.76 22.91
CA THR A 76 12.83 45.17 22.04
C THR A 76 13.27 45.31 20.59
N ASP A 77 14.53 45.04 20.26
CA ASP A 77 14.93 45.26 18.90
C ASP A 77 14.34 44.18 18.00
N ALA A 78 14.11 44.54 16.75
CA ALA A 78 13.34 43.70 15.86
C ALA A 78 13.98 42.33 15.66
N LYS A 79 15.31 42.25 15.69
CA LYS A 79 15.94 40.95 15.44
C LYS A 79 15.88 40.02 16.65
N VAL A 80 16.03 40.55 17.86
CA VAL A 80 15.83 39.74 19.05
C VAL A 80 14.40 39.24 19.13
N LYS A 81 13.44 40.08 18.76
CA LYS A 81 12.04 39.68 18.79
C LYS A 81 11.79 38.52 17.83
N LEU A 82 12.38 38.58 16.64
CA LEU A 82 12.23 37.47 15.70
C LEU A 82 12.88 36.19 16.23
N ILE A 83 14.08 36.30 16.79
CA ILE A 83 14.72 35.12 17.38
C ILE A 83 13.87 34.55 18.52
N LYS A 84 13.36 35.43 19.41
CA LYS A 84 12.53 34.94 20.50
C LYS A 84 11.28 34.25 19.99
N GLN A 85 10.64 34.81 18.96
CA GLN A 85 9.42 34.22 18.44
C GLN A 85 9.67 32.86 17.82
N GLU A 86 10.81 32.69 17.16
CA GLU A 86 11.11 31.39 16.60
C GLU A 86 11.48 30.41 17.70
N LEU A 87 12.13 30.88 18.77
CA LEU A 87 12.46 30.02 19.88
C LEU A 87 11.22 29.56 20.63
N ASP A 88 10.16 30.37 20.65
CA ASP A 88 8.91 29.90 21.26
C ASP A 88 8.27 28.81 20.42
N LYS A 89 8.34 28.91 19.10
CA LYS A 89 7.82 27.85 18.23
C LYS A 89 8.60 26.57 18.41
N TYR A 90 9.92 26.67 18.57
CA TYR A 90 10.73 25.52 18.96
C TYR A 90 10.24 24.91 20.26
N LYS A 91 10.05 25.75 21.29
CA LYS A 91 9.67 25.21 22.60
C LYS A 91 8.29 24.55 22.55
N ASN A 92 7.31 25.19 21.91
CA ASN A 92 5.98 24.60 21.83
CA ASN A 92 5.99 24.58 21.86
C ASN A 92 5.99 23.31 21.03
N ALA A 93 6.91 23.17 20.08
CA ALA A 93 7.03 21.92 19.35
C ALA A 93 7.54 20.82 20.27
N VAL A 94 8.52 21.14 21.11
CA VAL A 94 9.04 20.16 22.06
C VAL A 94 7.93 19.73 23.03
N THR A 95 7.18 20.69 23.57
CA THR A 95 6.18 20.32 24.56
C THR A 95 4.99 19.62 23.92
N ASP A 96 4.61 20.02 22.69
CA ASP A 96 3.54 19.31 21.99
C ASP A 96 3.91 17.85 21.76
N LEU A 97 5.16 17.58 21.38
CA LEU A 97 5.61 16.20 21.23
C LEU A 97 5.60 15.46 22.57
N GLN A 98 5.97 16.16 23.64
CA GLN A 98 5.94 15.56 24.98
C GLN A 98 4.51 15.24 25.41
N LEU A 99 3.55 16.10 25.09
CA LEU A 99 2.16 15.80 25.40
C LEU A 99 1.65 14.64 24.57
N LEU A 100 2.02 14.60 23.29
CA LEU A 100 1.63 13.49 22.43
C LEU A 100 2.13 12.16 22.97
N MET A 101 3.27 12.15 23.66
CA MET A 101 3.88 10.91 24.13
C MET A 101 3.29 10.38 25.42
N GLN A 102 2.69 11.25 26.25
CA GLN A 102 2.02 10.77 27.44
C GLN A 102 0.84 9.86 27.11
N SER A 103 0.39 9.87 25.85
CA SER A 103 -0.60 8.91 25.32
C SER A 103 0.09 8.06 24.26
N THR A 104 0.75 6.98 24.71
CA THR A 104 1.52 6.01 23.91
C THR A 104 0.77 5.57 22.65
N PRO A 105 1.47 4.98 21.64
CA PRO A 105 0.80 4.73 20.35
C PRO A 105 -0.25 3.63 20.38
N ALA A 106 -1.30 3.78 21.20
CA ALA A 106 -2.40 2.80 21.23
C ALA A 106 -3.45 3.05 20.13
N THR A 107 -3.55 4.28 19.60
CA THR A 107 -4.32 4.59 18.39
C THR A 107 -3.45 4.63 17.13
N GLY A 108 -2.38 3.83 17.09
CA GLY A 108 -1.55 3.80 15.90
C GLY A 108 -2.27 3.17 14.73
N SER A 109 -2.31 1.83 14.73
CA SER A 109 -3.04 1.07 13.72
C SER A 109 -3.66 -0.14 14.41
N GLY A 110 -4.50 -0.85 13.67
CA GLY A 110 -5.15 -2.03 14.20
C GLY A 110 -5.97 -2.71 13.15
N SER A 111 -6.30 -3.98 13.43
CA SER A 111 -7.09 -4.85 12.56
C SER A 111 -7.17 -6.21 13.25
N GLY A 112 -7.98 -7.10 12.65
CA GLY A 112 -7.83 -8.52 12.94
C GLY A 112 -6.44 -9.03 12.57
N SER A 113 -5.80 -8.39 11.59
CA SER A 113 -4.41 -8.66 11.23
C SER A 113 -3.41 -8.17 12.27
N GLY A 114 -3.86 -7.45 13.30
CA GLY A 114 -2.96 -6.98 14.33
C GLY A 114 -2.14 -5.77 13.92
N SER A 115 -1.16 -5.45 14.75
CA SER A 115 -0.43 -4.21 14.60
C SER A 115 0.55 -4.33 13.44
N ALA A 116 0.44 -3.42 12.47
CA ALA A 116 1.51 -3.36 11.49
C ALA A 116 2.78 -2.77 12.08
N ILE A 117 2.72 -2.14 13.25
CA ILE A 117 3.84 -1.38 13.80
C ILE A 117 4.42 -2.05 15.04
N ALA A 118 4.06 -3.31 15.30
CA ALA A 118 4.53 -3.96 16.53
C ALA A 118 6.04 -4.05 16.55
N SER A 119 6.67 -4.20 15.40
CA SER A 119 8.12 -4.20 15.34
CA SER A 119 8.12 -4.21 15.36
C SER A 119 8.68 -2.86 15.83
N GLY A 120 8.15 -1.76 15.30
CA GLY A 120 8.63 -0.45 15.71
C GLY A 120 8.29 -0.14 17.16
N VAL A 121 7.04 -0.44 17.56
CA VAL A 121 6.60 -0.21 18.94
C VAL A 121 7.52 -0.92 19.93
N ALA A 122 8.00 -2.11 19.58
CA ALA A 122 8.87 -2.86 20.48
C ALA A 122 10.22 -2.17 20.64
N VAL A 123 10.71 -1.51 19.59
CA VAL A 123 11.93 -0.71 19.70
C VAL A 123 11.70 0.53 20.56
N CYS A 124 10.53 1.16 20.43
CA CYS A 124 10.23 2.31 21.29
C CYS A 124 10.28 1.92 22.76
N LYS A 125 9.64 0.80 23.12
CA LYS A 125 9.68 0.30 24.49
C LYS A 125 11.11 0.19 25.00
N VAL A 126 11.98 -0.44 24.21
CA VAL A 126 13.38 -0.58 24.61
C VAL A 126 14.00 0.80 24.79
N LEU A 127 13.54 1.79 24.02
CA LEU A 127 14.18 3.10 24.05
C LEU A 127 13.84 3.85 25.33
N HIS A 128 12.68 3.55 25.92
CA HIS A 128 12.33 4.15 27.21
C HIS A 128 13.14 3.58 28.37
N LEU A 129 13.95 2.56 28.13
CA LEU A 129 14.77 1.98 29.19
C LEU A 129 16.00 2.84 29.44
N GLU A 130 16.41 2.89 30.71
CA GLU A 130 17.46 3.80 31.10
C GLU A 130 18.80 3.42 30.49
N GLY A 131 19.54 4.42 30.04
CA GLY A 131 20.82 4.23 29.41
C GLY A 131 20.75 3.94 27.92
N GLU A 132 19.58 3.56 27.41
CA GLU A 132 19.47 3.26 25.98
C GLU A 132 19.62 4.51 25.13
N VAL A 133 18.96 5.60 25.50
CA VAL A 133 19.11 6.85 24.76
C VAL A 133 20.57 7.27 24.73
N ASN A 134 21.23 7.26 25.90
CA ASN A 134 22.64 7.59 25.98
C ASN A 134 23.47 6.71 25.06
N LYS A 135 23.06 5.46 24.87
CA LYS A 135 23.81 4.58 23.99
C LYS A 135 23.77 5.07 22.54
N ILE A 136 22.64 5.64 22.10
CA ILE A 136 22.59 6.25 20.78
C ILE A 136 23.36 7.57 20.76
N LYS A 137 23.28 8.33 21.85
CA LYS A 137 24.10 9.54 22.00
C LYS A 137 25.57 9.25 21.72
N SER A 138 26.08 8.15 22.29
CA SER A 138 27.52 7.86 22.22
C SER A 138 27.93 7.39 20.83
N ALA A 139 27.08 6.61 20.16
CA ALA A 139 27.39 6.20 18.80
C ALA A 139 27.38 7.39 17.84
N LEU A 140 26.45 8.33 18.05
CA LEU A 140 26.36 9.55 17.26
C LEU A 140 27.20 10.68 17.84
N LEU A 141 28.18 10.37 18.70
CA LEU A 141 29.02 11.43 19.23
C LEU A 141 29.99 11.95 18.20
N SER A 142 30.36 11.13 17.21
CA SER A 142 31.34 11.50 16.22
C SER A 142 30.83 11.49 14.78
N THR A 143 29.84 10.65 14.46
CA THR A 143 29.37 10.49 13.08
C THR A 143 27.85 10.71 13.01
N ASN A 144 27.35 10.79 11.77
CA ASN A 144 25.93 11.02 11.52
C ASN A 144 25.12 9.72 11.53
N LYS A 145 25.66 8.63 10.99
CA LYS A 145 25.00 7.34 11.03
C LYS A 145 25.78 6.39 11.93
N CYS A 146 25.08 5.37 12.42
CA CYS A 146 25.62 4.51 13.46
C CYS A 146 24.91 3.16 13.39
N VAL A 147 25.44 2.21 14.16
CA VAL A 147 24.77 0.96 14.45
C VAL A 147 24.85 0.75 15.95
N VAL A 148 23.71 0.48 16.58
CA VAL A 148 23.65 0.32 18.03
C VAL A 148 22.94 -0.99 18.33
N SER A 149 23.57 -1.82 19.16
CA SER A 149 22.95 -3.04 19.67
C SER A 149 22.26 -2.71 20.99
N LEU A 150 20.93 -2.81 20.99
CA LEU A 150 20.15 -2.55 22.18
C LEU A 150 20.29 -3.70 23.17
N SER A 151 19.86 -3.48 24.41
CA SER A 151 19.89 -4.51 25.45
C SER A 151 18.80 -5.58 25.25
N ASN A 152 18.13 -5.59 24.10
CA ASN A 152 17.21 -6.67 23.74
C ASN A 152 17.71 -7.47 22.55
N GLY A 153 18.95 -7.25 22.14
CA GLY A 153 19.57 -8.01 21.08
C GLY A 153 19.32 -7.51 19.67
N VAL A 154 18.56 -6.43 19.50
CA VAL A 154 18.24 -5.92 18.18
C VAL A 154 19.28 -4.87 17.81
N SER A 155 19.92 -5.06 16.66
CA SER A 155 20.95 -4.14 16.17
C SER A 155 20.30 -3.24 15.13
N VAL A 156 19.96 -2.02 15.54
CA VAL A 156 19.25 -1.06 14.69
C VAL A 156 20.25 -0.09 14.10
N LEU A 157 19.96 0.34 12.87
CA LEU A 157 20.65 1.50 12.31
C LEU A 157 20.06 2.76 12.91
N CYS A 158 20.90 3.75 13.14
CA CYS A 158 20.45 5.01 13.73
C CYS A 158 20.97 6.15 12.86
N SER A 159 20.22 7.25 12.83
CA SER A 159 20.60 8.40 12.03
C SER A 159 20.14 9.69 12.70
N LYS A 160 21.07 10.64 12.82
CA LYS A 160 20.78 12.00 13.25
C LYS A 160 20.56 12.84 12.00
N VAL A 161 19.36 13.37 11.83
CA VAL A 161 19.02 14.10 10.61
C VAL A 161 19.02 15.62 10.82
N LEU A 162 18.97 16.08 12.07
CA LEU A 162 18.94 17.52 12.35
C LEU A 162 19.59 17.74 13.71
N ASP A 163 20.52 18.70 13.77
CA ASP A 163 21.26 18.99 14.99
C ASP A 163 20.89 20.39 15.47
N LEU A 164 19.84 20.48 16.30
CA LEU A 164 19.44 21.76 16.86
C LEU A 164 20.19 22.12 18.12
N LYS A 165 20.58 21.12 18.91
CA LYS A 165 21.31 21.39 20.15
C LYS A 165 22.56 22.20 19.88
N ASN A 166 23.39 21.74 18.95
CA ASN A 166 24.59 22.48 18.59
C ASN A 166 24.26 23.85 18.04
N TYR A 167 23.30 23.93 17.13
CA TYR A 167 22.97 25.24 16.56
C TYR A 167 22.49 26.20 17.64
N ILE A 168 21.61 25.74 18.53
CA ILE A 168 21.05 26.62 19.55
C ILE A 168 22.09 26.95 20.62
N ASP A 169 22.82 25.94 21.09
CA ASP A 169 23.80 26.19 22.15
C ASP A 169 24.94 27.10 21.66
N LYS A 170 25.26 27.04 20.37
CA LYS A 170 26.41 27.80 19.87
C LYS A 170 26.03 29.16 19.32
N GLN A 171 24.90 29.29 18.62
CA GLN A 171 24.56 30.55 17.98
C GLN A 171 23.48 31.34 18.71
N LEU A 172 22.71 30.73 19.59
CA LEU A 172 21.56 31.44 20.14
C LEU A 172 21.60 31.63 21.66
N LEU A 173 22.24 30.72 22.40
CA LEU A 173 22.39 30.92 23.84
C LEU A 173 23.30 32.11 24.15
N PRO A 174 24.45 32.25 23.49
CA PRO A 174 25.24 33.50 23.65
C PRO A 174 24.44 34.77 23.33
N ILE A 175 23.29 34.64 22.67
CA ILE A 175 22.44 35.78 22.36
C ILE A 175 21.47 36.08 23.51
N VAL A 176 20.75 35.07 23.99
CA VAL A 176 19.62 35.28 24.89
C VAL A 176 19.96 35.00 26.36
N ASN A 177 21.00 34.22 26.63
CA ASN A 177 21.28 33.79 28.00
C ASN A 177 22.34 34.68 28.65
N LYS A 178 21.98 35.95 28.83
CA LYS A 178 22.75 36.93 29.58
C LYS A 178 21.76 37.91 30.21
N GLN A 179 22.28 38.97 30.84
CA GLN A 179 21.40 39.94 31.48
C GLN A 179 20.58 40.71 30.46
N SER A 180 21.25 41.32 29.47
CA SER A 180 20.59 41.98 28.36
C SER A 180 20.98 41.26 27.07
N CYS A 181 20.00 41.07 26.19
CA CYS A 181 20.21 40.22 25.04
C CYS A 181 21.19 40.85 24.05
N SER A 182 22.11 40.04 23.55
CA SER A 182 22.90 40.43 22.38
C SER A 182 22.00 40.45 21.13
N ILE A 183 22.45 41.16 20.11
CA ILE A 183 21.69 41.32 18.86
C ILE A 183 22.25 40.35 17.84
N PRO A 184 21.47 39.42 17.30
CA PRO A 184 21.96 38.54 16.25
C PRO A 184 21.97 39.27 14.91
N ASN A 185 22.83 38.79 14.02
CA ASN A 185 22.79 39.27 12.65
C ASN A 185 21.57 38.68 11.94
N ILE A 186 21.17 39.33 10.85
CA ILE A 186 19.93 38.94 10.17
C ILE A 186 20.04 37.54 9.56
N GLU A 187 21.25 37.09 9.23
CA GLU A 187 21.38 35.76 8.64
C GLU A 187 21.12 34.67 9.66
N THR A 188 21.42 34.93 10.93
CA THR A 188 21.11 33.96 11.97
C THR A 188 19.60 33.82 12.15
N VAL A 189 18.86 34.92 12.05
CA VAL A 189 17.41 34.81 12.11
C VAL A 189 16.88 33.89 11.01
N ILE A 190 17.30 34.15 9.76
CA ILE A 190 16.82 33.38 8.62
C ILE A 190 17.27 31.92 8.72
N GLU A 191 18.54 31.70 9.05
CA GLU A 191 19.07 30.36 9.16
C GLU A 191 18.32 29.54 10.21
N PHE A 192 17.99 30.17 11.34
CA PHE A 192 17.30 29.40 12.38
C PHE A 192 15.87 29.08 11.98
N GLN A 193 15.19 29.98 11.28
CA GLN A 193 13.87 29.64 10.76
C GLN A 193 13.93 28.43 9.83
N GLN A 194 14.96 28.36 8.97
CA GLN A 194 15.12 27.23 8.07
C GLN A 194 15.35 25.93 8.82
N LYS A 195 16.23 25.94 9.83
CA LYS A 195 16.56 24.70 10.54
C LYS A 195 15.39 24.22 11.39
N ASN A 196 14.72 25.15 12.07
CA ASN A 196 13.62 24.81 12.95
C ASN A 196 12.40 24.32 12.16
N ASN A 197 12.25 24.78 10.92
CA ASN A 197 11.10 24.42 10.08
C ASN A 197 10.85 22.93 10.07
N ARG A 198 11.89 22.12 9.93
CA ARG A 198 11.72 20.68 9.82
C ARG A 198 11.20 20.07 11.12
N LEU A 199 11.72 20.51 12.26
CA LEU A 199 11.14 20.09 13.55
C LEU A 199 9.65 20.40 13.62
N LEU A 200 9.25 21.59 13.16
CA LEU A 200 7.85 21.98 13.29
C LEU A 200 6.96 21.17 12.36
N GLU A 201 7.43 20.84 11.14
CA GLU A 201 6.62 20.05 10.22
C GLU A 201 6.49 18.62 10.70
N ILE A 202 7.60 18.02 11.14
CA ILE A 202 7.57 16.70 11.77
C ILE A 202 6.52 16.69 12.89
N THR A 203 6.55 17.74 13.72
CA THR A 203 5.61 17.83 14.82
C THR A 203 4.18 17.99 14.33
N ARG A 204 3.98 18.71 13.23
CA ARG A 204 2.63 18.87 12.70
C ARG A 204 2.06 17.52 12.22
N GLU A 205 2.88 16.75 11.51
CA GLU A 205 2.44 15.44 10.99
C GLU A 205 2.08 14.47 12.11
N PHE A 206 2.95 14.35 13.11
CA PHE A 206 2.64 13.47 14.23
C PHE A 206 1.38 13.93 14.98
N SER A 207 1.12 15.25 15.03
CA SER A 207 0.03 15.78 15.86
C SER A 207 -1.36 15.43 15.31
N VAL A 208 -1.51 15.32 13.98
CA VAL A 208 -2.83 15.00 13.43
C VAL A 208 -3.02 13.51 13.20
N ASN A 209 -1.95 12.72 13.31
CA ASN A 209 -1.95 11.28 13.06
C ASN A 209 -1.72 10.47 14.33
N ALA A 210 -1.74 11.13 15.50
CA ALA A 210 -1.59 10.46 16.78
C ALA A 210 -0.26 9.71 16.88
N GLY A 211 0.80 10.25 16.27
CA GLY A 211 2.12 9.69 16.46
C GLY A 211 2.55 8.60 15.50
N VAL A 212 1.75 8.29 14.48
CA VAL A 212 2.09 7.28 13.49
C VAL A 212 1.68 7.79 12.12
N THR A 213 2.61 7.82 11.17
CA THR A 213 2.29 8.29 9.84
C THR A 213 2.70 7.23 8.81
N THR A 214 1.93 7.17 7.74
CA THR A 214 2.25 6.38 6.55
C THR A 214 1.45 6.99 5.40
N PRO A 215 2.05 7.20 4.22
CA PRO A 215 3.46 7.00 3.86
C PRO A 215 4.40 7.85 4.69
N VAL A 216 5.69 7.56 4.65
CA VAL A 216 6.67 8.35 5.39
C VAL A 216 7.00 9.57 4.53
N SER A 217 6.77 10.78 5.08
CA SER A 217 7.02 12.00 4.31
C SER A 217 8.51 12.24 4.10
N THR A 218 8.81 13.16 3.18
CA THR A 218 10.18 13.65 3.03
C THR A 218 10.64 14.46 4.25
N TYR A 219 9.72 14.99 5.05
CA TYR A 219 10.10 15.63 6.31
C TYR A 219 10.63 14.61 7.31
N MET A 220 9.95 13.46 7.43
CA MET A 220 10.44 12.39 8.29
C MET A 220 11.78 11.87 7.79
N LEU A 221 11.89 11.68 6.48
CA LEU A 221 13.08 11.08 5.91
C LEU A 221 13.19 11.57 4.48
N THR A 222 14.26 12.30 4.15
CA THR A 222 14.35 12.78 2.78
C THR A 222 14.77 11.62 1.88
N ASN A 223 14.64 11.83 0.58
CA ASN A 223 15.07 10.81 -0.36
C ASN A 223 16.55 10.49 -0.15
N SER A 224 17.36 11.51 0.14
CA SER A 224 18.78 11.28 0.33
C SER A 224 19.04 10.45 1.59
N GLU A 225 18.31 10.73 2.67
CA GLU A 225 18.48 9.97 3.90
C GLU A 225 17.94 8.54 3.74
N LEU A 226 16.81 8.38 3.05
CA LEU A 226 16.27 7.04 2.83
C LEU A 226 17.22 6.20 2.00
N LEU A 227 17.74 6.78 0.91
CA LEU A 227 18.66 6.04 0.04
C LEU A 227 19.94 5.67 0.78
N SER A 228 20.43 6.55 1.65
CA SER A 228 21.62 6.23 2.45
C SER A 228 21.32 5.16 3.47
N LEU A 229 20.14 5.22 4.08
CA LEU A 229 19.71 4.21 5.03
C LEU A 229 19.67 2.84 4.36
N ILE A 230 19.01 2.74 3.20
CA ILE A 230 19.01 1.51 2.41
C ILE A 230 20.43 1.04 2.17
N ASN A 231 21.28 1.93 1.66
CA ASN A 231 22.62 1.57 1.25
C ASN A 231 23.46 1.07 2.41
N ASP A 232 23.18 1.53 3.62
CA ASP A 232 23.97 1.21 4.79
C ASP A 232 23.42 0.00 5.54
N MET A 233 22.35 -0.68 5.00
CA MET A 233 21.82 -1.79 5.77
C MET A 233 22.59 -3.08 5.51
N PRO A 234 22.64 -3.96 6.54
CA PRO A 234 23.27 -5.29 6.36
C PRO A 234 22.40 -6.25 5.56
N ILE A 235 22.20 -5.93 4.28
CA ILE A 235 21.38 -6.74 3.38
C ILE A 235 22.14 -6.89 2.08
N THR A 236 21.70 -7.83 1.25
CA THR A 236 22.38 -8.10 -0.02
C THR A 236 22.23 -6.94 -0.97
N ASN A 237 23.02 -6.99 -2.05
CA ASN A 237 23.04 -5.89 -3.00
C ASN A 237 21.78 -5.84 -3.86
N ASP A 238 21.17 -6.99 -4.15
CA ASP A 238 19.95 -6.96 -4.93
C ASP A 238 18.78 -6.43 -4.12
N GLN A 239 18.78 -6.64 -2.80
CA GLN A 239 17.78 -6.02 -1.96
C GLN A 239 17.97 -4.51 -1.87
N LYS A 240 19.23 -4.04 -1.74
CA LYS A 240 19.49 -2.62 -1.84
C LYS A 240 19.01 -2.05 -3.18
N LYS A 241 19.29 -2.74 -4.27
CA LYS A 241 18.96 -2.16 -5.58
C LYS A 241 17.45 -2.16 -5.82
N LEU A 242 16.76 -3.17 -5.33
CA LEU A 242 15.31 -3.22 -5.50
C LEU A 242 14.66 -2.03 -4.80
N MET A 243 14.96 -1.83 -3.51
CA MET A 243 14.35 -0.75 -2.75
C MET A 243 14.80 0.63 -3.23
N SER A 244 16.04 0.76 -3.71
CA SER A 244 16.50 2.06 -4.18
C SER A 244 15.85 2.46 -5.49
N ASN A 245 15.48 1.49 -6.33
CA ASN A 245 14.84 1.79 -7.60
C ASN A 245 13.33 1.93 -7.50
N ASN A 246 12.77 1.78 -6.31
CA ASN A 246 11.32 1.90 -6.11
C ASN A 246 11.03 2.63 -4.82
N VAL A 247 11.73 3.75 -4.61
CA VAL A 247 11.69 4.41 -3.31
C VAL A 247 10.30 4.92 -2.98
N GLN A 248 9.54 5.35 -3.99
CA GLN A 248 8.20 5.85 -3.70
C GLN A 248 7.25 4.72 -3.28
N ILE A 249 7.44 3.51 -3.83
CA ILE A 249 6.69 2.35 -3.32
C ILE A 249 7.18 1.99 -1.93
N VAL A 250 8.50 2.08 -1.70
CA VAL A 250 9.01 1.83 -0.35
C VAL A 250 8.41 2.83 0.63
N ARG A 251 8.40 4.12 0.27
CA ARG A 251 7.78 5.14 1.12
C ARG A 251 6.33 4.81 1.44
N GLN A 252 5.56 4.40 0.42
CA GLN A 252 4.13 4.16 0.63
C GLN A 252 3.87 2.93 1.46
N GLN A 253 4.82 2.02 1.56
CA GLN A 253 4.66 0.82 2.37
C GLN A 253 5.37 0.96 3.71
N SER A 254 5.80 2.17 4.10
CA SER A 254 6.58 2.36 5.32
C SER A 254 5.78 3.11 6.39
N TYR A 255 6.29 3.05 7.62
CA TYR A 255 5.68 3.73 8.74
C TYR A 255 6.71 4.56 9.48
N SER A 256 6.26 5.66 10.07
CA SER A 256 7.07 6.47 10.97
C SER A 256 6.35 6.56 12.30
N ILE A 257 7.02 6.16 13.37
CA ILE A 257 6.41 6.05 14.70
C ILE A 257 7.17 6.92 15.67
N MET A 258 6.47 7.87 16.27
CA MET A 258 7.07 8.76 17.26
C MET A 258 7.35 7.99 18.55
N CYS A 259 8.62 7.94 18.97
CA CYS A 259 9.02 7.18 20.17
C CYS A 259 9.12 8.02 21.44
N ILE A 260 10.13 8.89 21.53
CA ILE A 260 10.54 9.41 22.84
C ILE A 260 11.21 10.79 22.67
N ILE A 261 11.04 11.64 23.69
CA ILE A 261 11.84 12.86 23.86
C ILE A 261 12.47 12.78 25.24
N LYS A 262 13.78 12.55 25.28
CA LYS A 262 14.48 12.34 26.55
C LYS A 262 15.94 12.72 26.37
N GLU A 263 16.45 13.50 27.32
CA GLU A 263 17.88 13.80 27.42
C GLU A 263 18.39 14.44 26.13
N GLU A 264 17.71 15.51 25.70
CA GLU A 264 18.06 16.30 24.53
C GLU A 264 18.05 15.49 23.24
N VAL A 265 17.32 14.37 23.21
CA VAL A 265 17.20 13.56 22.01
C VAL A 265 15.74 13.42 21.66
N LEU A 266 15.42 13.73 20.40
CA LEU A 266 14.13 13.43 19.80
C LEU A 266 14.34 12.20 18.93
N ALA A 267 13.67 11.09 19.25
CA ALA A 267 13.83 9.84 18.51
C ALA A 267 12.49 9.32 17.99
N TYR A 268 12.45 8.94 16.72
CA TYR A 268 11.30 8.27 16.15
C TYR A 268 11.79 7.11 15.29
N VAL A 269 10.96 6.07 15.15
CA VAL A 269 11.37 4.86 14.45
C VAL A 269 10.65 4.80 13.10
N VAL A 270 11.43 4.49 12.06
CA VAL A 270 10.93 4.26 10.71
C VAL A 270 10.95 2.76 10.41
N GLN A 271 9.81 2.24 9.96
CA GLN A 271 9.69 0.84 9.54
C GLN A 271 9.67 0.80 8.01
N LEU A 272 10.69 0.24 7.43
CA LEU A 272 10.76 0.03 6.00
C LEU A 272 10.43 -1.42 5.64
N PRO A 273 9.79 -1.66 4.50
CA PRO A 273 9.38 -3.03 4.16
C PRO A 273 10.56 -3.93 3.82
N LEU A 274 10.51 -5.16 4.35
CA LEU A 274 11.46 -6.22 4.01
C LEU A 274 10.75 -7.21 3.09
N TYR A 275 11.23 -7.35 1.87
CA TYR A 275 10.64 -8.26 0.89
C TYR A 275 11.31 -9.63 1.00
N GLY A 276 10.71 -10.53 1.77
CA GLY A 276 11.23 -11.87 1.95
C GLY A 276 10.89 -12.83 0.84
N VAL A 277 10.08 -12.39 -0.13
CA VAL A 277 9.81 -13.11 -1.37
C VAL A 277 10.11 -12.16 -2.52
N ILE A 278 10.90 -12.63 -3.49
CA ILE A 278 11.46 -11.78 -4.54
C ILE A 278 11.29 -12.50 -5.86
N ASP A 279 10.97 -11.73 -6.91
CA ASP A 279 10.82 -12.23 -8.28
C ASP A 279 9.91 -13.46 -8.37
N THR A 280 8.87 -13.46 -7.58
CA THR A 280 8.03 -14.64 -7.69
C THR A 280 6.97 -14.42 -8.78
N PRO A 281 6.57 -15.47 -9.51
CA PRO A 281 5.55 -15.29 -10.56
C PRO A 281 4.20 -14.87 -9.95
N CYS A 282 3.61 -13.83 -10.52
CA CYS A 282 2.31 -13.32 -10.06
C CYS A 282 1.37 -13.16 -11.26
N TRP A 283 0.06 -13.25 -10.99
CA TRP A 283 -0.93 -13.03 -12.02
C TRP A 283 -2.15 -12.35 -11.40
N LYS A 284 -2.95 -11.69 -12.24
CA LYS A 284 -4.12 -10.97 -11.78
C LYS A 284 -5.36 -11.56 -12.45
N LEU A 285 -6.39 -11.82 -11.65
CA LEU A 285 -7.63 -12.39 -12.15
C LEU A 285 -8.70 -11.29 -12.25
N HIS A 286 -9.31 -11.18 -13.43
CA HIS A 286 -10.38 -10.25 -13.71
C HIS A 286 -11.66 -11.04 -13.97
N THR A 287 -12.79 -10.58 -13.44
CA THR A 287 -14.04 -11.31 -13.61
C THR A 287 -15.18 -10.35 -13.93
N SER A 288 -16.22 -10.88 -14.57
CA SER A 288 -17.34 -10.06 -15.00
C SER A 288 -18.58 -10.95 -15.09
N PRO A 289 -19.78 -10.40 -14.92
CA PRO A 289 -20.98 -11.25 -14.82
C PRO A 289 -21.29 -11.92 -16.15
N LEU A 290 -21.60 -13.21 -16.07
CA LEU A 290 -21.97 -14.05 -17.21
C LEU A 290 -23.45 -14.41 -17.08
N CYS A 291 -24.28 -13.90 -17.98
CA CYS A 291 -25.73 -14.09 -17.90
C CYS A 291 -26.27 -14.70 -19.19
N THR A 292 -27.39 -15.42 -19.08
CA THR A 292 -28.15 -15.77 -20.28
C THR A 292 -28.71 -14.50 -20.89
N THR A 293 -29.10 -14.58 -22.17
CA THR A 293 -29.53 -13.41 -22.91
C THR A 293 -30.95 -13.54 -23.48
N ASN A 294 -31.88 -14.11 -22.70
CA ASN A 294 -33.29 -14.11 -23.09
C ASN A 294 -33.85 -12.70 -23.14
N THR A 295 -34.81 -12.50 -24.04
CA THR A 295 -35.33 -11.17 -24.35
C THR A 295 -36.32 -10.65 -23.29
N LYS A 296 -36.94 -11.52 -22.51
CA LYS A 296 -37.89 -11.11 -21.48
C LYS A 296 -37.16 -10.92 -20.15
N GLU A 297 -37.25 -9.71 -19.57
CA GLU A 297 -36.56 -9.43 -18.33
C GLU A 297 -37.17 -10.20 -17.16
N GLY A 298 -36.30 -10.67 -16.26
CA GLY A 298 -36.69 -11.53 -15.17
C GLY A 298 -36.60 -13.01 -15.48
N SER A 299 -36.30 -13.37 -16.72
CA SER A 299 -36.14 -14.76 -17.12
C SER A 299 -34.68 -15.18 -17.22
N ASN A 300 -33.75 -14.33 -16.80
CA ASN A 300 -32.34 -14.56 -17.03
C ASN A 300 -31.62 -14.89 -15.74
N ILE A 301 -30.69 -15.83 -15.85
CA ILE A 301 -29.87 -16.20 -14.73
C ILE A 301 -28.43 -15.74 -14.96
N CYS A 302 -27.69 -15.49 -13.90
CA CYS A 302 -26.33 -14.99 -13.99
C CYS A 302 -25.35 -15.65 -13.03
N LEU A 303 -24.10 -15.64 -13.40
CA LEU A 303 -23.05 -16.18 -12.57
C LEU A 303 -21.80 -15.33 -12.70
N THR A 304 -21.07 -15.19 -11.63
CA THR A 304 -19.82 -14.45 -11.66
C THR A 304 -18.75 -15.15 -10.83
N ARG A 305 -17.58 -15.32 -11.40
CA ARG A 305 -16.48 -15.88 -10.65
C ARG A 305 -16.05 -14.94 -9.55
N THR A 306 -15.79 -15.49 -8.39
CA THR A 306 -15.36 -14.70 -7.26
C THR A 306 -13.85 -14.66 -7.11
N ASP A 307 -13.36 -13.84 -6.20
CA ASP A 307 -11.92 -13.86 -5.89
C ASP A 307 -11.06 -13.30 -7.04
N ARG A 308 -11.59 -12.31 -7.75
CA ARG A 308 -10.73 -11.44 -8.55
C ARG A 308 -9.63 -10.87 -7.67
N GLY A 309 -8.50 -10.53 -8.30
CA GLY A 309 -7.41 -9.88 -7.63
C GLY A 309 -6.08 -10.53 -7.99
N TRP A 310 -5.06 -10.17 -7.22
CA TRP A 310 -3.67 -10.60 -7.43
C TRP A 310 -3.39 -11.92 -6.73
N TYR A 311 -2.69 -12.80 -7.44
CA TYR A 311 -2.21 -14.09 -6.96
C TYR A 311 -0.72 -14.16 -7.21
N CYS A 312 0.04 -14.67 -6.23
CA CYS A 312 1.49 -14.84 -6.37
C CYS A 312 1.91 -16.20 -5.82
N ASP A 313 2.76 -16.90 -6.57
CA ASP A 313 3.39 -18.10 -6.02
C ASP A 313 4.19 -17.71 -4.79
N ASN A 314 4.07 -18.51 -3.73
CA ASN A 314 4.79 -18.18 -2.49
C ASN A 314 4.98 -19.46 -1.69
N ALA A 315 6.22 -19.96 -1.63
CA ALA A 315 6.61 -20.99 -0.67
C ALA A 315 5.76 -22.26 -0.82
N GLY A 316 5.51 -22.67 -2.07
CA GLY A 316 4.78 -23.90 -2.31
C GLY A 316 3.27 -23.78 -2.29
N SER A 317 2.73 -22.63 -1.90
CA SER A 317 1.32 -22.29 -1.97
C SER A 317 1.14 -21.07 -2.89
N VAL A 318 -0.06 -20.49 -2.86
CA VAL A 318 -0.37 -19.27 -3.60
C VAL A 318 -0.87 -18.23 -2.60
N SER A 319 -0.24 -17.05 -2.59
CA SER A 319 -0.75 -15.93 -1.81
C SER A 319 -1.77 -15.15 -2.63
N PHE A 320 -2.93 -14.89 -2.06
CA PHE A 320 -4.02 -14.19 -2.75
C PHE A 320 -4.32 -12.88 -2.03
N PHE A 321 -4.42 -11.79 -2.78
CA PHE A 321 -4.62 -10.45 -2.23
C PHE A 321 -5.96 -9.92 -2.68
N PRO A 322 -7.02 -10.05 -1.87
CA PRO A 322 -8.36 -9.62 -2.33
C PRO A 322 -8.55 -8.10 -2.35
N GLN A 323 -7.88 -7.35 -1.47
CA GLN A 323 -8.04 -5.90 -1.39
C GLN A 323 -7.15 -5.18 -2.41
N ALA A 324 -7.78 -4.30 -3.20
CA ALA A 324 -7.14 -3.68 -4.35
C ALA A 324 -5.90 -2.86 -3.96
N GLU A 325 -5.88 -2.28 -2.78
CA GLU A 325 -4.78 -1.42 -2.36
C GLU A 325 -3.57 -2.18 -1.85
N THR A 326 -3.67 -3.49 -1.65
CA THR A 326 -2.56 -4.21 -1.06
C THR A 326 -1.34 -4.29 -1.99
N CYS A 327 -1.54 -4.20 -3.30
CA CYS A 327 -0.49 -4.44 -4.27
C CYS A 327 -0.27 -3.18 -5.11
N LYS A 328 0.98 -2.72 -5.20
CA LYS A 328 1.36 -1.66 -6.11
C LYS A 328 2.07 -2.27 -7.32
N VAL A 329 1.74 -1.75 -8.50
CA VAL A 329 2.24 -2.27 -9.76
C VAL A 329 3.07 -1.20 -10.45
N GLN A 330 4.27 -1.57 -10.86
CA GLN A 330 5.15 -0.72 -11.67
C GLN A 330 5.53 -1.57 -12.87
N SER A 331 4.92 -1.28 -14.01
CA SER A 331 5.18 -1.99 -15.26
C SER A 331 4.99 -3.51 -15.09
N ASN A 332 6.11 -4.20 -15.02
CA ASN A 332 6.28 -5.63 -14.99
C ASN A 332 6.28 -6.21 -13.56
N ARG A 333 6.34 -5.35 -12.56
CA ARG A 333 6.65 -5.74 -11.19
CA ARG A 333 6.64 -5.74 -11.20
C ARG A 333 5.50 -5.37 -10.27
N VAL A 334 5.22 -6.23 -9.30
CA VAL A 334 4.16 -5.99 -8.31
C VAL A 334 4.78 -6.05 -6.93
N PHE A 335 4.30 -5.21 -6.03
CA PHE A 335 4.80 -5.13 -4.66
C PHE A 335 3.59 -5.27 -3.74
N CYS A 336 3.53 -6.34 -2.95
CA CYS A 336 2.35 -6.65 -2.16
C CYS A 336 2.72 -6.84 -0.69
N ASP A 337 1.79 -6.47 0.18
CA ASP A 337 1.92 -6.67 1.60
C ASP A 337 1.26 -7.99 1.96
N THR A 338 1.97 -8.87 2.68
CA THR A 338 1.34 -10.14 3.01
C THR A 338 0.30 -10.02 4.14
N MET A 339 0.27 -8.92 4.88
CA MET A 339 -0.62 -8.81 6.04
C MET A 339 -2.09 -9.03 5.70
N ASN A 340 -2.58 -8.49 4.60
CA ASN A 340 -3.98 -8.79 4.35
C ASN A 340 -4.14 -9.73 3.16
N SER A 341 -3.49 -10.89 3.20
CA SER A 341 -3.53 -11.87 2.13
C SER A 341 -4.01 -13.19 2.70
N LEU A 342 -4.45 -14.07 1.83
CA LEU A 342 -4.83 -15.42 2.21
C LEU A 342 -3.88 -16.39 1.52
N THR A 343 -3.69 -17.56 2.12
CA THR A 343 -2.79 -18.56 1.57
C THR A 343 -3.64 -19.69 1.02
N LEU A 344 -3.50 -19.95 -0.26
CA LEU A 344 -4.35 -20.94 -0.89
C LEU A 344 -3.50 -22.05 -1.46
N PRO A 345 -4.07 -23.22 -1.67
CA PRO A 345 -3.35 -24.26 -2.41
C PRO A 345 -3.10 -23.80 -3.85
N SER A 346 -1.97 -24.25 -4.41
CA SER A 346 -1.66 -23.87 -5.78
C SER A 346 -2.71 -24.35 -6.78
N GLU A 347 -3.49 -25.37 -6.44
CA GLU A 347 -4.55 -25.81 -7.33
C GLU A 347 -5.64 -24.76 -7.52
N VAL A 348 -5.63 -23.67 -6.76
CA VAL A 348 -6.56 -22.58 -7.05
C VAL A 348 -6.45 -22.14 -8.50
N ASN A 349 -5.27 -22.28 -9.10
CA ASN A 349 -5.15 -21.85 -10.49
C ASN A 349 -5.93 -22.74 -11.46
N LEU A 350 -6.35 -23.91 -11.05
CA LEU A 350 -7.11 -24.75 -11.97
C LEU A 350 -8.45 -24.11 -12.34
N CYS A 351 -8.97 -23.18 -11.52
CA CYS A 351 -10.20 -22.48 -11.90
C CYS A 351 -10.05 -21.66 -13.19
N ASN A 352 -8.83 -21.43 -13.63
CA ASN A 352 -8.55 -20.77 -14.89
C ASN A 352 -8.25 -21.72 -16.04
N VAL A 353 -8.18 -23.03 -15.80
CA VAL A 353 -8.06 -23.99 -16.88
C VAL A 353 -9.35 -24.78 -17.05
N ASP A 354 -10.04 -25.10 -15.95
CA ASP A 354 -11.29 -25.85 -15.99
C ASP A 354 -12.05 -25.61 -14.69
N ILE A 355 -13.08 -24.76 -14.76
CA ILE A 355 -13.79 -24.35 -13.55
C ILE A 355 -14.58 -25.49 -12.93
N PHE A 356 -14.73 -26.61 -13.64
CA PHE A 356 -15.42 -27.80 -13.13
C PHE A 356 -14.44 -28.86 -12.60
N ASN A 357 -13.14 -28.55 -12.55
CA ASN A 357 -12.12 -29.51 -12.12
C ASN A 357 -12.43 -30.05 -10.73
N PRO A 358 -12.02 -31.29 -10.44
CA PRO A 358 -12.33 -31.88 -9.13
C PRO A 358 -11.25 -31.70 -8.08
N LYS A 359 -10.19 -30.94 -8.36
CA LYS A 359 -9.15 -30.72 -7.37
C LYS A 359 -9.36 -29.46 -6.53
N TYR A 360 -10.10 -28.47 -7.04
CA TYR A 360 -10.35 -27.27 -6.26
C TYR A 360 -11.77 -26.79 -6.55
N ASP A 361 -12.48 -26.43 -5.49
CA ASP A 361 -13.91 -26.10 -5.56
C ASP A 361 -14.04 -24.62 -5.94
N CYS A 362 -14.13 -24.35 -7.24
CA CYS A 362 -14.09 -22.96 -7.72
C CYS A 362 -15.32 -22.20 -7.27
N LYS A 363 -15.13 -20.96 -6.89
CA LYS A 363 -16.18 -20.21 -6.22
C LYS A 363 -16.87 -19.24 -7.17
N ILE A 364 -18.20 -19.13 -7.02
CA ILE A 364 -19.02 -18.28 -7.87
C ILE A 364 -20.14 -17.67 -7.04
N MET A 365 -20.67 -16.55 -7.53
CA MET A 365 -21.87 -15.97 -6.98
C MET A 365 -22.90 -15.88 -8.10
N THR A 366 -24.19 -15.96 -7.75
CA THR A 366 -25.26 -16.00 -8.73
C THR A 366 -26.24 -14.89 -8.45
N SER A 367 -27.07 -14.58 -9.44
CA SER A 367 -28.00 -13.45 -9.35
C SER A 367 -28.87 -13.44 -10.59
N LYS A 368 -29.83 -12.52 -10.62
CA LYS A 368 -30.58 -12.20 -11.82
C LYS A 368 -30.40 -10.74 -12.18
N THR A 369 -29.28 -10.14 -11.79
CA THR A 369 -29.02 -8.73 -12.09
C THR A 369 -28.11 -8.66 -13.31
N ASP A 370 -28.74 -8.64 -14.49
CA ASP A 370 -28.01 -8.57 -15.75
C ASP A 370 -27.85 -7.09 -16.17
N VAL A 371 -27.08 -6.36 -15.37
CA VAL A 371 -26.72 -4.99 -15.74
C VAL A 371 -25.43 -5.06 -16.53
N SER A 372 -25.27 -4.18 -17.51
CA SER A 372 -24.11 -4.20 -18.37
C SER A 372 -22.93 -3.53 -17.65
N SER A 373 -21.72 -4.01 -17.94
CA SER A 373 -20.53 -3.38 -17.40
C SER A 373 -19.31 -3.79 -18.22
N SER A 374 -18.19 -3.12 -17.96
CA SER A 374 -16.91 -3.51 -18.54
C SER A 374 -15.88 -3.60 -17.43
N VAL A 375 -14.83 -4.38 -17.69
CA VAL A 375 -13.67 -4.48 -16.81
C VAL A 375 -12.43 -4.28 -17.66
N ILE A 376 -11.67 -3.24 -17.37
CA ILE A 376 -10.39 -2.99 -18.02
C ILE A 376 -9.35 -3.91 -17.38
N THR A 377 -8.68 -4.72 -18.18
CA THR A 377 -7.72 -5.70 -17.71
C THR A 377 -6.31 -5.13 -17.93
N SER A 378 -5.29 -5.99 -17.91
CA SER A 378 -3.96 -5.50 -18.20
C SER A 378 -3.77 -5.17 -19.68
N LEU A 379 -4.34 -5.99 -20.58
CA LEU A 379 -4.07 -5.87 -22.01
C LEU A 379 -5.34 -5.72 -22.86
N GLY A 380 -6.46 -5.38 -22.25
CA GLY A 380 -7.68 -5.34 -23.01
C GLY A 380 -8.86 -4.94 -22.17
N ALA A 381 -10.03 -5.51 -22.47
CA ALA A 381 -11.25 -5.13 -21.77
C ALA A 381 -12.25 -6.26 -21.90
N ILE A 382 -12.83 -6.69 -20.78
CA ILE A 382 -13.99 -7.57 -20.81
C ILE A 382 -15.25 -6.71 -20.89
N VAL A 383 -16.23 -7.12 -21.69
CA VAL A 383 -17.51 -6.42 -21.81
C VAL A 383 -18.63 -7.41 -21.56
N SER A 384 -19.48 -7.11 -20.58
CA SER A 384 -20.71 -7.85 -20.31
C SER A 384 -21.85 -6.95 -20.75
N CYS A 385 -22.48 -7.29 -21.87
CA CYS A 385 -23.50 -6.46 -22.51
C CYS A 385 -24.83 -7.19 -22.44
N TYR A 386 -25.82 -6.58 -21.78
CA TYR A 386 -27.12 -7.20 -21.60
C TYR A 386 -28.22 -6.19 -21.88
N GLY A 387 -29.42 -6.69 -22.15
CA GLY A 387 -30.57 -5.81 -22.36
C GLY A 387 -30.41 -4.94 -23.59
N LYS A 388 -30.74 -3.65 -23.45
CA LYS A 388 -30.69 -2.70 -24.55
C LYS A 388 -29.43 -1.86 -24.55
N THR A 389 -28.44 -2.21 -23.75
CA THR A 389 -27.26 -1.36 -23.62
C THR A 389 -26.51 -1.30 -24.94
N LYS A 390 -26.07 -0.10 -25.29
CA LYS A 390 -25.17 0.09 -26.42
C LYS A 390 -23.75 -0.15 -25.91
N CYS A 391 -23.08 -1.15 -26.47
CA CYS A 391 -21.71 -1.47 -26.10
C CYS A 391 -20.85 -1.56 -27.35
N THR A 392 -19.73 -0.83 -27.36
CA THR A 392 -18.84 -0.68 -28.52
C THR A 392 -17.39 -0.53 -28.06
N ALA A 393 -16.48 -0.77 -29.00
CA ALA A 393 -15.07 -0.46 -28.81
C ALA A 393 -14.63 0.48 -29.92
N SER A 394 -13.76 1.42 -29.58
CA SER A 394 -13.36 2.44 -30.52
C SER A 394 -11.85 2.61 -30.53
N ASN A 395 -11.44 3.24 -31.61
CA ASN A 395 -10.11 3.71 -31.91
C ASN A 395 -10.18 5.23 -32.01
N LYS A 396 -9.15 5.94 -31.54
CA LYS A 396 -9.14 7.40 -31.58
C LYS A 396 -9.36 7.93 -33.00
N ASN A 397 -8.67 7.36 -33.98
CA ASN A 397 -8.74 7.90 -35.34
C ASN A 397 -9.90 7.40 -36.18
N ARG A 398 -10.44 6.21 -35.91
CA ARG A 398 -11.51 5.63 -36.72
C ARG A 398 -12.88 5.65 -36.05
N GLY A 399 -12.95 5.95 -34.75
CA GLY A 399 -14.23 5.88 -34.08
C GLY A 399 -14.58 4.43 -33.80
N ILE A 400 -15.87 4.09 -33.89
CA ILE A 400 -16.34 2.77 -33.48
C ILE A 400 -15.85 1.71 -34.45
N ILE A 401 -15.18 0.68 -33.94
CA ILE A 401 -14.68 -0.40 -34.77
C ILE A 401 -15.27 -1.76 -34.40
N LYS A 402 -16.01 -1.86 -33.30
CA LYS A 402 -16.61 -3.12 -32.92
C LYS A 402 -17.87 -2.83 -32.14
N THR A 403 -18.92 -3.58 -32.41
CA THR A 403 -20.15 -3.46 -31.63
C THR A 403 -20.39 -4.80 -30.97
N PHE A 404 -20.52 -4.79 -29.65
CA PHE A 404 -20.72 -6.04 -28.92
C PHE A 404 -22.18 -6.48 -29.00
N SER A 405 -22.38 -7.78 -29.01
CA SER A 405 -23.74 -8.28 -28.89
C SER A 405 -23.96 -8.70 -27.44
N ASN A 406 -25.20 -9.07 -27.10
CA ASN A 406 -25.50 -9.44 -25.72
C ASN A 406 -24.72 -10.71 -25.34
N GLY A 407 -24.14 -10.69 -24.15
CA GLY A 407 -23.24 -11.75 -23.72
C GLY A 407 -22.00 -11.14 -23.12
N CYS A 408 -21.02 -11.99 -22.83
CA CYS A 408 -19.74 -11.56 -22.30
C CYS A 408 -18.68 -11.77 -23.36
N ASP A 409 -17.88 -10.74 -23.61
CA ASP A 409 -16.94 -10.72 -24.74
C ASP A 409 -15.70 -9.93 -24.32
N TYR A 410 -14.73 -9.85 -25.22
CA TYR A 410 -13.43 -9.31 -24.88
C TYR A 410 -12.81 -8.68 -26.12
N VAL A 411 -11.99 -7.66 -25.91
CA VAL A 411 -11.23 -7.06 -26.98
C VAL A 411 -9.84 -6.75 -26.44
N SER A 412 -8.81 -6.88 -27.28
CA SER A 412 -7.47 -6.59 -26.78
C SER A 412 -7.15 -5.13 -27.01
N ASN A 413 -6.05 -4.66 -26.41
CA ASN A 413 -5.66 -3.26 -26.58
C ASN A 413 -4.95 -2.99 -27.90
N LYS A 414 -4.85 -3.98 -28.80
CA LYS A 414 -4.19 -3.75 -30.09
C LYS A 414 -5.19 -3.09 -31.03
N GLY A 415 -5.01 -1.81 -31.31
CA GLY A 415 -5.93 -1.14 -32.19
C GLY A 415 -7.20 -0.63 -31.54
N VAL A 416 -7.40 -0.87 -30.23
CA VAL A 416 -8.53 -0.33 -29.47
C VAL A 416 -8.00 0.65 -28.45
N ASP A 417 -8.62 1.83 -28.37
CA ASP A 417 -8.29 2.84 -27.38
C ASP A 417 -9.29 2.91 -26.25
N THR A 418 -10.58 2.78 -26.54
CA THR A 418 -11.60 2.92 -25.53
C THR A 418 -12.68 1.89 -25.77
N VAL A 419 -13.51 1.74 -24.76
CA VAL A 419 -14.71 0.91 -24.80
C VAL A 419 -15.81 1.75 -24.16
N SER A 420 -17.02 1.65 -24.70
CA SER A 420 -18.16 2.35 -24.14
C SER A 420 -19.25 1.36 -23.82
N VAL A 421 -19.80 1.45 -22.61
CA VAL A 421 -20.92 0.62 -22.19
C VAL A 421 -22.01 1.58 -21.73
N GLY A 422 -23.08 1.69 -22.50
CA GLY A 422 -24.08 2.70 -22.16
C GLY A 422 -23.45 4.07 -22.17
N ASN A 423 -23.61 4.81 -21.08
CA ASN A 423 -23.14 6.19 -20.98
C ASN A 423 -21.74 6.33 -20.36
N THR A 424 -21.02 5.23 -20.13
CA THR A 424 -19.70 5.26 -19.48
C THR A 424 -18.61 4.88 -20.47
N LEU A 425 -17.58 5.71 -20.56
CA LEU A 425 -16.42 5.43 -21.39
C LEU A 425 -15.24 4.91 -20.55
N TYR A 426 -14.55 3.87 -21.06
CA TYR A 426 -13.41 3.26 -20.36
C TYR A 426 -12.18 3.30 -21.26
N TYR A 427 -11.03 3.66 -20.68
CA TYR A 427 -9.78 3.63 -21.42
C TYR A 427 -9.06 2.31 -21.22
N VAL A 428 -8.61 1.72 -22.31
CA VAL A 428 -7.87 0.48 -22.24
C VAL A 428 -6.40 0.82 -21.95
N ASN A 429 -5.72 -0.05 -21.21
CA ASN A 429 -4.30 0.16 -20.90
C ASN A 429 -3.49 -0.08 -22.17
N LYS A 430 -2.58 0.84 -22.50
CA LYS A 430 -1.80 0.72 -23.72
C LYS A 430 -0.47 -0.01 -23.52
N GLN A 431 -0.34 -0.76 -22.43
CA GLN A 431 0.85 -1.57 -22.18
C GLN A 431 1.09 -2.59 -23.31
N GLU A 432 2.36 -2.81 -23.63
CA GLU A 432 2.73 -3.87 -24.58
C GLU A 432 2.50 -5.26 -24.00
N GLY A 433 2.10 -6.18 -24.87
CA GLY A 433 1.92 -7.56 -24.47
C GLY A 433 1.02 -8.26 -25.47
N GLN A 434 0.80 -9.54 -25.23
CA GLN A 434 0.05 -10.40 -26.13
C GLN A 434 -1.16 -10.97 -25.42
N SER A 435 -2.34 -10.81 -26.03
CA SER A 435 -3.59 -11.37 -25.53
C SER A 435 -3.97 -12.60 -26.35
N LEU A 436 -4.67 -13.53 -25.69
CA LEU A 436 -5.14 -14.76 -26.29
C LEU A 436 -6.60 -14.94 -25.92
N TYR A 437 -7.43 -15.15 -26.92
CA TYR A 437 -8.86 -15.34 -26.74
C TYR A 437 -9.13 -16.84 -26.68
N VAL A 438 -9.56 -17.34 -25.53
CA VAL A 438 -9.78 -18.78 -25.34
C VAL A 438 -11.27 -19.05 -25.52
N LYS A 439 -11.63 -19.53 -26.69
CA LYS A 439 -13.03 -19.76 -27.02
C LYS A 439 -13.60 -20.86 -26.13
N GLY A 440 -14.91 -20.80 -25.93
CA GLY A 440 -15.56 -21.82 -25.14
C GLY A 440 -17.00 -21.46 -24.86
N GLU A 441 -17.83 -22.47 -24.69
CA GLU A 441 -19.26 -22.25 -24.45
C GLU A 441 -19.48 -21.58 -23.10
N PRO A 442 -20.20 -20.44 -23.04
CA PRO A 442 -20.60 -19.84 -21.74
C PRO A 442 -21.23 -20.84 -20.79
N ILE A 443 -20.62 -21.08 -19.62
CA ILE A 443 -21.11 -22.19 -18.78
C ILE A 443 -22.49 -21.93 -18.24
N ILE A 444 -22.93 -20.67 -18.22
CA ILE A 444 -24.30 -20.38 -17.79
C ILE A 444 -25.33 -21.10 -18.64
N ASN A 445 -24.97 -21.48 -19.89
CA ASN A 445 -25.88 -22.19 -20.78
C ASN A 445 -26.06 -23.66 -20.42
N PHE A 446 -25.25 -24.20 -19.52
CA PHE A 446 -25.40 -25.59 -19.08
C PHE A 446 -26.45 -25.76 -18.01
N TYR A 447 -27.04 -24.68 -17.50
CA TYR A 447 -27.92 -24.71 -16.35
C TYR A 447 -29.36 -24.50 -16.80
N ASP A 448 -30.27 -25.21 -16.15
CA ASP A 448 -31.68 -25.07 -16.40
C ASP A 448 -32.21 -23.90 -15.59
N PRO A 449 -32.74 -22.84 -16.21
CA PRO A 449 -33.09 -21.64 -15.43
C PRO A 449 -34.10 -21.87 -14.34
N LEU A 450 -34.85 -22.98 -14.37
CA LEU A 450 -35.93 -23.16 -13.42
C LEU A 450 -35.50 -23.83 -12.12
N VAL A 451 -34.38 -24.55 -12.11
CA VAL A 451 -33.85 -25.10 -10.87
C VAL A 451 -32.51 -24.47 -10.47
N PHE A 452 -32.17 -23.32 -11.06
CA PHE A 452 -30.90 -22.66 -10.78
C PHE A 452 -31.00 -21.85 -9.48
N PRO A 453 -30.09 -22.06 -8.51
CA PRO A 453 -30.05 -21.22 -7.31
C PRO A 453 -29.59 -19.80 -7.63
N SER A 454 -30.50 -18.84 -7.80
CA SER A 454 -30.23 -17.56 -8.44
C SER A 454 -29.88 -16.43 -7.48
N ASP A 455 -29.66 -16.70 -6.20
CA ASP A 455 -29.27 -15.58 -5.32
C ASP A 455 -28.22 -16.05 -4.32
N GLU A 456 -27.17 -16.70 -4.82
CA GLU A 456 -26.10 -17.22 -3.97
C GLU A 456 -24.99 -16.19 -3.88
N PHE A 457 -24.68 -15.74 -2.67
CA PHE A 457 -23.74 -14.64 -2.52
C PHE A 457 -22.28 -15.11 -2.49
N ASP A 458 -22.01 -16.32 -2.01
CA ASP A 458 -20.66 -16.87 -1.83
C ASP A 458 -20.73 -18.39 -2.02
N ALA A 459 -20.94 -18.82 -3.26
CA ALA A 459 -21.14 -20.23 -3.44
C ALA A 459 -19.94 -20.81 -4.20
N SER A 460 -20.16 -21.97 -4.79
CA SER A 460 -19.09 -22.75 -5.42
C SER A 460 -19.75 -23.73 -6.36
N ILE A 461 -19.00 -24.08 -7.40
CA ILE A 461 -19.50 -24.99 -8.45
C ILE A 461 -20.20 -26.20 -7.84
N SER A 462 -19.54 -26.87 -6.90
CA SER A 462 -20.11 -28.09 -6.31
C SER A 462 -21.28 -27.77 -5.41
N GLN A 463 -21.18 -26.67 -4.66
CA GLN A 463 -22.29 -26.19 -3.85
C GLN A 463 -23.54 -25.89 -4.68
N VAL A 464 -23.37 -25.29 -5.86
CA VAL A 464 -24.51 -25.06 -6.74
C VAL A 464 -25.03 -26.38 -7.27
N ASN A 465 -24.14 -27.26 -7.71
CA ASN A 465 -24.55 -28.56 -8.20
C ASN A 465 -25.27 -29.40 -7.13
N GLU A 466 -24.91 -29.25 -5.85
CA GLU A 466 -25.61 -30.02 -4.82
C GLU A 466 -26.98 -29.43 -4.52
N LYS A 467 -27.12 -28.10 -4.60
CA LYS A 467 -28.41 -27.45 -4.46
C LYS A 467 -29.34 -27.80 -5.62
N ILE A 468 -28.77 -27.95 -6.82
CA ILE A 468 -29.54 -28.40 -7.97
C ILE A 468 -29.93 -29.87 -7.82
N ASN A 469 -29.01 -30.70 -7.30
CA ASN A 469 -29.35 -32.09 -7.01
C ASN A 469 -30.50 -32.19 -6.03
N GLN A 470 -30.53 -31.31 -5.01
CA GLN A 470 -31.63 -31.28 -4.06
C GLN A 470 -32.92 -30.79 -4.72
N SER A 471 -32.81 -29.90 -5.71
CA SER A 471 -34.01 -29.40 -6.38
C SER A 471 -34.54 -30.36 -7.43
N LEU A 472 -33.67 -31.18 -8.04
CA LEU A 472 -34.17 -32.25 -8.89
C LEU A 472 -34.74 -33.39 -8.08
N ALA A 473 -34.28 -33.57 -6.84
CA ALA A 473 -34.77 -34.67 -6.01
C ALA A 473 -36.19 -34.41 -5.52
N PHE A 474 -36.50 -33.16 -5.16
CA PHE A 474 -37.87 -32.80 -4.77
C PHE A 474 -38.85 -33.00 -5.92
N ILE A 475 -38.38 -32.96 -7.16
CA ILE A 475 -39.21 -33.23 -8.33
C ILE A 475 -39.06 -34.67 -8.83
N ARG A 476 -37.94 -35.32 -8.52
CA ARG A 476 -37.72 -36.71 -8.94
C ARG A 476 -38.77 -37.62 -8.31
N LYS A 477 -38.87 -37.60 -6.98
CA LYS A 477 -39.87 -38.39 -6.29
C LYS A 477 -41.28 -37.87 -6.57
N SER A 478 -41.40 -36.60 -6.92
CA SER A 478 -42.69 -35.97 -7.19
C SER A 478 -42.90 -35.73 -8.69
C1 NAG B . -25.36 -34.81 -8.20
C2 NAG B . -23.89 -34.83 -7.79
C3 NAG B . -23.04 -35.37 -8.93
C4 NAG B . -23.53 -36.76 -9.33
C5 NAG B . -25.03 -36.74 -9.66
C6 NAG B . -25.60 -38.11 -9.94
C7 NAG B . -23.24 -33.15 -6.11
C8 NAG B . -22.69 -31.77 -5.89
N2 NAG B . -23.41 -33.51 -7.38
O3 NAG B . -21.67 -35.41 -8.57
O4 NAG B . -22.80 -37.24 -10.45
O5 NAG B . -25.78 -36.17 -8.58
O6 NAG B . -25.14 -39.09 -9.02
O7 NAG B . -23.52 -33.89 -5.16
#